data_9G4O
#
_entry.id   9G4O
#
_cell.length_a   36.155
_cell.length_b   45.702
_cell.length_c   48.440
_cell.angle_alpha   113.30
_cell.angle_beta   99.54
_cell.angle_gamma   95.01
#
_symmetry.space_group_name_H-M   'P 1'
#
loop_
_entity.id
_entity.type
_entity.pdbx_description
1 polymer 'dTDP-4-dehydrorhamnose reductase'
2 non-polymer (4S)-2-METHYL-2,4-PENTANEDIOL
3 non-polymer NICOTINAMIDE-ADENINE-DINUCLEOTIDE
4 non-polymer '2-[4-(hydroxymethyl)phenyl]ethanoic acid'
5 water water
#
_entity_poly.entity_id   1
_entity_poly.type   'polypeptide(L)'
_entity_poly.pdbx_seq_one_letter_code
;GPLLEMILITGSNGQLGTELRYLLDERGVDYVAVDVAEMDITNEDKVEAVFAQVKPTLVYHCAAYTAVDAAEDEGKALNE
AINVTGSENIAKACGKYGATLVYISTDYVFDGNKPVGQEWVETDHPDPKTEYGRTKRLGELAVERYAEHFYIIRTAWVFG
NYGKNFVFTMEQLAENHSRLTVVNDQHGRPTWTRTLAEFMCYLTENQKAFGYYHLSNDAKEDTTWYDFAKEILKDKAVEV
VPVDSSAFPAKAKRPLNSTMNLDKAKATGFVIPTWQEALKAFYQQGLKK
;
_entity_poly.pdbx_strand_id   A
#
# COMPACT_ATOMS: atom_id res chain seq x y z
N GLY A 1 -25.47 0.16 10.15
CA GLY A 1 -25.98 1.31 10.87
C GLY A 1 -25.37 1.35 12.25
N PRO A 2 -26.10 1.92 13.23
CA PRO A 2 -25.55 1.95 14.59
C PRO A 2 -25.39 0.56 15.19
N LEU A 3 -26.26 -0.40 14.84
CA LEU A 3 -26.18 -1.74 15.39
C LEU A 3 -25.45 -2.74 14.51
N LEU A 4 -25.45 -2.52 13.20
CA LEU A 4 -24.87 -3.42 12.20
C LEU A 4 -23.59 -2.84 11.63
N GLU A 5 -22.52 -3.62 11.68
CA GLU A 5 -21.31 -3.20 10.99
C GLU A 5 -21.49 -3.58 9.52
N MET A 6 -21.17 -2.65 8.62
CA MET A 6 -21.30 -2.91 7.19
C MET A 6 -20.00 -2.53 6.51
N ILE A 7 -19.26 -3.53 6.05
CA ILE A 7 -17.93 -3.34 5.49
C ILE A 7 -18.04 -3.22 3.97
N LEU A 8 -17.33 -2.22 3.42
CA LEU A 8 -17.17 -1.99 2.00
C LEU A 8 -15.68 -2.02 1.67
N ILE A 9 -15.28 -2.85 0.72
CA ILE A 9 -13.89 -2.89 0.25
C ILE A 9 -13.87 -2.27 -1.12
N THR A 10 -13.02 -1.26 -1.31
CA THR A 10 -12.80 -0.71 -2.63
C THR A 10 -11.49 -1.25 -3.18
N GLY A 11 -11.34 -1.16 -4.50
CA GLY A 11 -10.14 -1.70 -5.10
C GLY A 11 -10.02 -3.17 -4.80
N SER A 12 -11.15 -3.87 -4.78
CA SER A 12 -11.24 -5.19 -4.16
C SER A 12 -10.59 -6.28 -4.98
N ASN A 13 -10.32 -6.05 -6.26
CA ASN A 13 -9.64 -7.04 -7.08
C ASN A 13 -8.15 -6.76 -7.25
N GLY A 14 -7.62 -5.74 -6.59
CA GLY A 14 -6.19 -5.52 -6.55
C GLY A 14 -5.50 -6.57 -5.70
N GLN A 15 -4.17 -6.47 -5.60
CA GLN A 15 -3.46 -7.48 -4.79
C GLN A 15 -3.81 -7.33 -3.31
N LEU A 16 -3.93 -6.10 -2.81
CA LEU A 16 -4.33 -5.94 -1.41
C LEU A 16 -5.82 -6.20 -1.22
N GLY A 17 -6.65 -5.70 -2.14
CA GLY A 17 -8.08 -5.91 -1.99
C GLY A 17 -8.44 -7.37 -1.96
N THR A 18 -7.79 -8.17 -2.80
CA THR A 18 -8.08 -9.60 -2.85
C THR A 18 -7.63 -10.29 -1.58
N GLU A 19 -6.41 -9.99 -1.12
CA GLU A 19 -5.91 -10.50 0.14
C GLU A 19 -6.88 -10.22 1.30
N LEU A 20 -7.37 -8.98 1.36
CA LEU A 20 -8.29 -8.62 2.44
C LEU A 20 -9.62 -9.37 2.33
N ARG A 21 -10.17 -9.51 1.12
CA ARG A 21 -11.40 -10.29 0.93
C ARG A 21 -11.23 -11.71 1.45
N TYR A 22 -10.09 -12.33 1.14
CA TYR A 22 -9.81 -13.70 1.56
C TYR A 22 -9.63 -13.77 3.07
N LEU A 23 -9.01 -12.74 3.66
CA LEU A 23 -8.86 -12.68 5.11
C LEU A 23 -10.20 -12.58 5.81
N LEU A 24 -11.08 -11.68 5.34
CA LEU A 24 -12.41 -11.60 5.94
C LEU A 24 -13.21 -12.88 5.71
N ASP A 25 -13.05 -13.53 4.55
CA ASP A 25 -13.68 -14.83 4.32
C ASP A 25 -13.26 -15.83 5.39
N GLU A 26 -11.96 -15.91 5.67
CA GLU A 26 -11.46 -16.84 6.68
C GLU A 26 -12.11 -16.59 8.02
N ARG A 27 -12.33 -15.33 8.36
CA ARG A 27 -12.89 -14.97 9.65
C ARG A 27 -14.40 -14.92 9.64
N GLY A 28 -15.04 -15.27 8.53
CA GLY A 28 -16.50 -15.29 8.56
C GLY A 28 -17.11 -13.92 8.61
N VAL A 29 -16.40 -12.91 8.14
CA VAL A 29 -16.89 -11.53 8.12
C VAL A 29 -17.43 -11.22 6.73
N ASP A 30 -18.66 -10.70 6.67
CA ASP A 30 -19.31 -10.31 5.43
C ASP A 30 -18.82 -8.93 4.99
N TYR A 31 -18.95 -8.66 3.69
CA TYR A 31 -18.52 -7.38 3.13
C TYR A 31 -19.17 -7.22 1.76
N VAL A 32 -19.15 -5.99 1.26
CA VAL A 32 -19.40 -5.67 -0.13
C VAL A 32 -18.06 -5.26 -0.74
N ALA A 33 -17.76 -5.81 -1.91
CA ALA A 33 -16.47 -5.62 -2.56
C ALA A 33 -16.68 -4.97 -3.91
N VAL A 34 -15.98 -3.86 -4.17
CA VAL A 34 -16.10 -3.18 -5.46
C VAL A 34 -14.72 -2.82 -5.97
N ASP A 35 -14.56 -2.90 -7.29
CA ASP A 35 -13.37 -2.41 -7.96
C ASP A 35 -13.83 -1.60 -9.18
N VAL A 36 -12.92 -1.28 -10.12
CA VAL A 36 -13.23 -0.31 -11.19
CA VAL A 36 -13.21 -0.33 -11.20
C VAL A 36 -14.54 -0.65 -11.88
N ALA A 37 -14.75 -1.93 -12.20
CA ALA A 37 -15.90 -2.31 -13.00
C ALA A 37 -17.20 -2.28 -12.21
N GLU A 38 -17.16 -1.96 -10.92
CA GLU A 38 -18.38 -1.81 -10.13
C GLU A 38 -18.54 -0.44 -9.48
N MET A 39 -17.45 0.21 -9.07
CA MET A 39 -17.57 1.55 -8.49
C MET A 39 -16.25 2.27 -8.78
N ASP A 40 -16.22 3.00 -9.88
CA ASP A 40 -15.07 3.80 -10.26
C ASP A 40 -14.94 4.97 -9.29
N ILE A 41 -13.91 4.95 -8.44
CA ILE A 41 -13.78 5.98 -7.41
C ILE A 41 -13.56 7.38 -7.99
N THR A 42 -13.26 7.50 -9.28
CA THR A 42 -13.13 8.83 -9.84
C THR A 42 -14.46 9.43 -10.24
N ASN A 43 -15.54 8.66 -10.17
CA ASN A 43 -16.89 9.10 -10.56
C ASN A 43 -17.68 9.31 -9.28
N GLU A 44 -17.78 10.57 -8.85
CA GLU A 44 -18.40 10.86 -7.57
C GLU A 44 -19.88 10.47 -7.56
N ASP A 45 -20.54 10.53 -8.73
CA ASP A 45 -21.93 10.07 -8.82
C ASP A 45 -22.04 8.57 -8.61
N LYS A 46 -21.10 7.79 -9.15
CA LYS A 46 -21.13 6.35 -8.92
C LYS A 46 -20.79 6.01 -7.47
N VAL A 47 -19.80 6.71 -6.90
CA VAL A 47 -19.45 6.49 -5.50
C VAL A 47 -20.64 6.78 -4.60
N GLU A 48 -21.30 7.92 -4.82
CA GLU A 48 -22.51 8.23 -4.05
C GLU A 48 -23.57 7.15 -4.24
N ALA A 49 -23.79 6.70 -5.47
CA ALA A 49 -24.85 5.72 -5.70
C ALA A 49 -24.58 4.42 -4.92
N VAL A 50 -23.33 3.96 -4.93
CA VAL A 50 -22.96 2.74 -4.21
C VAL A 50 -23.13 2.90 -2.71
N PHE A 51 -22.64 4.03 -2.17
CA PHE A 51 -22.77 4.27 -0.73
C PHE A 51 -24.22 4.41 -0.29
N ALA A 52 -25.07 4.97 -1.16
CA ALA A 52 -26.49 5.05 -0.82
C ALA A 52 -27.11 3.67 -0.72
N GLN A 53 -26.67 2.73 -1.57
CA GLN A 53 -27.17 1.37 -1.53
C GLN A 53 -26.55 0.56 -0.41
N VAL A 54 -25.25 0.73 -0.17
CA VAL A 54 -24.58 -0.12 0.80
C VAL A 54 -24.66 0.44 2.22
N LYS A 55 -24.62 1.76 2.37
CA LYS A 55 -24.56 2.40 3.68
C LYS A 55 -23.47 1.78 4.55
N PRO A 56 -22.20 1.87 4.13
CA PRO A 56 -21.13 1.29 4.93
C PRO A 56 -20.92 2.04 6.22
N THR A 57 -20.43 1.33 7.24
CA THR A 57 -19.92 1.93 8.46
C THR A 57 -18.40 1.85 8.54
N LEU A 58 -17.77 1.08 7.65
CA LEU A 58 -16.33 0.85 7.68
C LEU A 58 -15.89 0.57 6.25
N VAL A 59 -14.91 1.32 5.77
CA VAL A 59 -14.47 1.24 4.39
C VAL A 59 -12.97 0.99 4.37
N TYR A 60 -12.58 -0.11 3.74
CA TYR A 60 -11.18 -0.43 3.50
C TYR A 60 -10.87 0.02 2.08
N HIS A 61 -10.11 1.11 1.94
CA HIS A 61 -9.88 1.74 0.64
C HIS A 61 -8.60 1.19 0.07
N CYS A 62 -8.72 0.18 -0.79
CA CYS A 62 -7.54 -0.43 -1.41
C CYS A 62 -7.37 -0.02 -2.87
N ALA A 63 -8.26 0.79 -3.41
CA ALA A 63 -8.08 1.27 -4.78
C ALA A 63 -6.96 2.29 -4.80
N ALA A 64 -6.10 2.23 -5.82
CA ALA A 64 -4.99 3.17 -5.93
C ALA A 64 -4.36 3.04 -7.30
N TYR A 65 -3.59 4.05 -7.67
CA TYR A 65 -2.71 3.97 -8.84
C TYR A 65 -1.28 3.98 -8.34
N THR A 66 -0.54 2.92 -8.64
CA THR A 66 0.76 2.69 -7.97
C THR A 66 1.90 2.46 -8.95
N ALA A 67 1.74 2.84 -10.22
CA ALA A 67 2.83 2.77 -11.20
C ALA A 67 3.67 4.03 -11.06
N VAL A 68 4.77 3.93 -10.32
CA VAL A 68 5.48 5.13 -9.90
C VAL A 68 6.09 5.85 -11.09
N ASP A 69 6.73 5.11 -11.98
CA ASP A 69 7.42 5.75 -13.10
C ASP A 69 6.41 6.26 -14.12
N ALA A 70 5.34 5.51 -14.36
CA ALA A 70 4.29 5.96 -15.28
C ALA A 70 3.59 7.23 -14.77
N ALA A 71 3.49 7.40 -13.45
CA ALA A 71 2.82 8.57 -12.90
C ALA A 71 3.57 9.86 -13.18
N GLU A 72 4.86 9.78 -13.55
CA GLU A 72 5.64 10.98 -13.85
C GLU A 72 5.33 11.56 -15.23
N ASP A 73 4.72 10.75 -16.09
CA ASP A 73 4.59 11.09 -17.52
C ASP A 73 3.30 10.52 -18.11
N GLU A 74 3.34 9.29 -18.63
CA GLU A 74 2.20 8.77 -19.38
CA GLU A 74 2.20 8.78 -19.38
C GLU A 74 0.99 8.51 -18.49
N GLY A 75 1.19 8.34 -17.19
CA GLY A 75 0.07 8.06 -16.31
C GLY A 75 -0.18 9.18 -15.33
N LYS A 76 0.40 10.35 -15.63
CA LYS A 76 0.29 11.49 -14.73
C LYS A 76 -1.17 11.87 -14.48
N ALA A 77 -1.99 11.88 -15.54
CA ALA A 77 -3.39 12.24 -15.37
C ALA A 77 -4.18 11.18 -14.60
N LEU A 78 -3.95 9.91 -14.93
CA LEU A 78 -4.65 8.84 -14.22
C LEU A 78 -4.18 8.76 -12.76
N ASN A 79 -2.87 8.90 -12.52
CA ASN A 79 -2.38 8.99 -11.15
C ASN A 79 -3.11 10.06 -10.35
N GLU A 80 -3.25 11.27 -10.92
CA GLU A 80 -3.95 12.31 -10.19
C GLU A 80 -5.42 11.96 -9.98
N ALA A 81 -6.08 11.43 -11.01
CA ALA A 81 -7.51 11.15 -10.89
C ALA A 81 -7.78 10.12 -9.79
N ILE A 82 -7.03 9.02 -9.78
CA ILE A 82 -7.30 7.95 -8.85
C ILE A 82 -6.84 8.31 -7.45
N ASN A 83 -5.65 8.91 -7.32
CA ASN A 83 -5.07 9.08 -5.99
C ASN A 83 -5.48 10.40 -5.33
N VAL A 84 -5.82 11.43 -6.09
CA VAL A 84 -6.33 12.67 -5.51
C VAL A 84 -7.85 12.72 -5.57
N THR A 85 -8.40 12.81 -6.79
CA THR A 85 -9.87 12.86 -6.92
C THR A 85 -10.50 11.64 -6.26
N GLY A 86 -9.99 10.45 -6.58
CA GLY A 86 -10.58 9.24 -6.01
C GLY A 86 -10.50 9.23 -4.48
N SER A 87 -9.38 9.68 -3.92
CA SER A 87 -9.26 9.74 -2.47
C SER A 87 -10.26 10.72 -1.91
N GLU A 88 -10.38 11.89 -2.52
CA GLU A 88 -11.34 12.87 -2.03
C GLU A 88 -12.76 12.30 -2.08
N ASN A 89 -13.11 11.65 -3.18
CA ASN A 89 -14.46 11.11 -3.34
C ASN A 89 -14.78 10.11 -2.22
N ILE A 90 -13.83 9.23 -1.89
CA ILE A 90 -14.06 8.19 -0.88
C ILE A 90 -14.10 8.81 0.52
N ALA A 91 -13.24 9.79 0.78
CA ALA A 91 -13.26 10.43 2.09
C ALA A 91 -14.55 11.21 2.29
N LYS A 92 -15.01 11.92 1.26
CA LYS A 92 -16.28 12.63 1.36
CA LYS A 92 -16.28 12.63 1.36
C LYS A 92 -17.44 11.67 1.54
N ALA A 93 -17.45 10.56 0.79
CA ALA A 93 -18.52 9.58 0.96
C ALA A 93 -18.52 9.02 2.38
N CYS A 94 -17.34 8.71 2.91
CA CYS A 94 -17.28 8.17 4.27
C CYS A 94 -17.75 9.21 5.29
N GLY A 95 -17.35 10.46 5.10
CA GLY A 95 -17.82 11.50 6.02
C GLY A 95 -19.33 11.69 5.97
N LYS A 96 -19.90 11.67 4.76
CA LYS A 96 -21.34 11.82 4.63
C LYS A 96 -22.09 10.66 5.28
N TYR A 97 -21.61 9.43 5.09
CA TYR A 97 -22.30 8.27 5.61
C TYR A 97 -21.83 7.87 7.00
N GLY A 98 -20.89 8.60 7.59
CA GLY A 98 -20.45 8.32 8.94
C GLY A 98 -19.58 7.11 9.05
N ALA A 99 -18.93 6.70 7.97
CA ALA A 99 -18.14 5.48 7.96
C ALA A 99 -16.71 5.75 8.41
N THR A 100 -16.13 4.79 9.11
CA THR A 100 -14.70 4.80 9.33
C THR A 100 -13.97 4.45 8.04
N LEU A 101 -12.92 5.21 7.72
CA LEU A 101 -12.16 5.07 6.49
C LEU A 101 -10.74 4.58 6.82
N VAL A 102 -10.40 3.38 6.35
CA VAL A 102 -9.01 2.91 6.36
C VAL A 102 -8.39 3.23 4.99
N TYR A 103 -7.47 4.19 4.97
CA TYR A 103 -6.85 4.66 3.75
C TYR A 103 -5.41 4.16 3.73
N ILE A 104 -5.03 3.45 2.67
CA ILE A 104 -3.67 2.95 2.54
C ILE A 104 -2.85 4.01 1.80
N SER A 105 -1.75 4.44 2.44
CA SER A 105 -0.88 5.45 1.82
C SER A 105 0.52 4.84 1.71
N THR A 106 1.56 5.65 1.67
CA THR A 106 2.83 5.13 1.18
C THR A 106 4.01 5.75 1.91
N ASP A 107 5.07 4.96 2.06
CA ASP A 107 6.36 5.47 2.48
C ASP A 107 6.89 6.53 1.53
N TYR A 108 6.41 6.55 0.27
CA TYR A 108 6.88 7.57 -0.66
C TYR A 108 6.29 8.96 -0.35
N VAL A 109 5.60 9.19 0.79
CA VAL A 109 5.26 10.58 1.11
C VAL A 109 6.43 11.34 1.68
N PHE A 110 7.53 10.67 2.01
CA PHE A 110 8.70 11.32 2.56
C PHE A 110 9.75 11.59 1.48
N ASP A 111 10.60 12.57 1.76
CA ASP A 111 11.59 13.00 0.77
C ASP A 111 12.77 12.05 0.66
N GLY A 112 12.91 11.15 1.63
CA GLY A 112 13.97 10.15 1.59
C GLY A 112 15.33 10.65 1.99
N ASN A 113 15.48 11.93 2.32
CA ASN A 113 16.78 12.48 2.71
C ASN A 113 17.02 12.20 4.18
N LYS A 114 17.35 10.94 4.49
CA LYS A 114 17.51 10.53 5.87
C LYS A 114 18.62 9.49 5.89
N PRO A 115 19.62 9.62 6.78
CA PRO A 115 20.76 8.70 6.73
C PRO A 115 20.32 7.27 6.90
N VAL A 116 21.08 6.37 6.27
CA VAL A 116 20.84 4.94 6.45
C VAL A 116 20.95 4.62 7.93
N GLY A 117 19.98 3.87 8.45
CA GLY A 117 19.88 3.60 9.86
C GLY A 117 18.82 4.43 10.57
N GLN A 118 18.44 5.57 10.02
CA GLN A 118 17.36 6.34 10.60
C GLN A 118 16.03 6.01 9.91
N GLU A 119 14.93 6.26 10.62
CA GLU A 119 13.62 5.85 10.13
C GLU A 119 12.61 6.98 10.28
N TRP A 120 11.60 6.95 9.39
CA TRP A 120 10.56 7.96 9.35
C TRP A 120 9.46 7.61 10.36
N VAL A 121 9.02 8.59 11.16
CA VAL A 121 7.94 8.36 12.12
C VAL A 121 6.67 9.02 11.60
N GLU A 122 5.52 8.61 12.17
CA GLU A 122 4.22 9.10 11.71
C GLU A 122 4.07 10.61 11.82
N THR A 123 4.82 11.24 12.72
CA THR A 123 4.74 12.66 12.92
C THR A 123 5.71 13.45 12.03
N ASP A 124 6.55 12.78 11.26
CA ASP A 124 7.46 13.49 10.36
C ASP A 124 6.71 14.18 9.23
N HIS A 125 7.25 15.31 8.77
CA HIS A 125 6.59 16.13 7.74
C HIS A 125 6.78 15.52 6.35
N PRO A 126 5.70 15.13 5.66
CA PRO A 126 5.87 14.67 4.28
C PRO A 126 6.37 15.77 3.37
N ASP A 127 7.20 15.39 2.41
CA ASP A 127 7.65 16.30 1.37
C ASP A 127 8.03 15.44 0.17
N PRO A 128 7.04 14.86 -0.52
CA PRO A 128 7.34 13.85 -1.54
C PRO A 128 7.86 14.47 -2.83
N LYS A 129 8.75 13.73 -3.50
CA LYS A 129 9.42 14.17 -4.72
C LYS A 129 8.99 13.38 -5.94
N THR A 130 8.11 12.40 -5.77
CA THR A 130 7.53 11.68 -6.88
C THR A 130 6.08 12.10 -7.06
N GLU A 131 5.63 12.06 -8.31
CA GLU A 131 4.22 12.31 -8.61
C GLU A 131 3.33 11.39 -7.79
N TYR A 132 3.71 10.11 -7.71
CA TYR A 132 2.94 9.15 -6.93
C TYR A 132 2.83 9.63 -5.48
N GLY A 133 3.97 9.90 -4.84
CA GLY A 133 3.96 10.30 -3.44
C GLY A 133 3.22 11.60 -3.20
N ARG A 134 3.32 12.56 -4.12
CA ARG A 134 2.56 13.79 -3.99
C ARG A 134 1.06 13.51 -3.92
N THR A 135 0.55 12.73 -4.86
CA THR A 135 -0.89 12.47 -4.88
C THR A 135 -1.34 11.66 -3.68
N LYS A 136 -0.50 10.77 -3.15
CA LYS A 136 -0.91 10.02 -1.95
C LYS A 136 -0.97 10.92 -0.74
N ARG A 137 -0.06 11.89 -0.65
CA ARG A 137 -0.11 12.86 0.43
C ARG A 137 -1.36 13.73 0.32
N LEU A 138 -1.73 14.14 -0.88
CA LEU A 138 -2.98 14.87 -1.05
C LEU A 138 -4.16 14.00 -0.63
N GLY A 139 -4.07 12.69 -0.90
CA GLY A 139 -5.12 11.78 -0.44
C GLY A 139 -5.20 11.69 1.08
N GLU A 140 -4.05 11.70 1.75
CA GLU A 140 -4.01 11.76 3.21
C GLU A 140 -4.74 13.00 3.72
N LEU A 141 -4.44 14.15 3.12
CA LEU A 141 -5.04 15.40 3.59
C LEU A 141 -6.55 15.44 3.34
N ALA A 142 -7.00 14.89 2.22
CA ALA A 142 -8.45 14.76 2.00
C ALA A 142 -9.10 13.87 3.06
N VAL A 143 -8.48 12.75 3.38
CA VAL A 143 -9.02 11.82 4.38
C VAL A 143 -9.09 12.50 5.73
N GLU A 144 -8.00 13.20 6.11
CA GLU A 144 -7.93 14.00 7.33
C GLU A 144 -9.08 15.00 7.39
N ARG A 145 -9.38 15.66 6.28
CA ARG A 145 -10.38 16.72 6.28
C ARG A 145 -11.79 16.16 6.38
N TYR A 146 -12.11 15.11 5.62
CA TYR A 146 -13.49 14.72 5.39
C TYR A 146 -13.96 13.51 6.19
N ALA A 147 -13.07 12.58 6.52
CA ALA A 147 -13.43 11.41 7.32
C ALA A 147 -13.03 11.69 8.77
N GLU A 148 -14.01 11.84 9.64
CA GLU A 148 -13.66 12.12 11.04
C GLU A 148 -13.08 10.89 11.73
N HIS A 149 -13.52 9.70 11.36
CA HIS A 149 -12.97 8.47 11.86
C HIS A 149 -12.10 7.88 10.76
N PHE A 150 -10.80 7.80 11.00
CA PHE A 150 -9.93 7.29 9.94
C PHE A 150 -8.67 6.66 10.51
N TYR A 151 -8.14 5.71 9.75
CA TYR A 151 -6.80 5.19 9.89
C TYR A 151 -6.10 5.42 8.57
N ILE A 152 -4.99 6.16 8.60
CA ILE A 152 -4.11 6.24 7.44
C ILE A 152 -2.93 5.34 7.75
N ILE A 153 -2.73 4.34 6.92
CA ILE A 153 -1.66 3.37 7.10
C ILE A 153 -0.67 3.57 5.96
N ARG A 154 0.53 4.06 6.25
CA ARG A 154 1.53 4.18 5.20
C ARG A 154 2.25 2.84 5.06
N THR A 155 2.25 2.27 3.87
CA THR A 155 2.92 1.00 3.66
C THR A 155 3.98 1.15 2.56
N ALA A 156 4.67 0.06 2.24
CA ALA A 156 5.83 0.19 1.35
C ALA A 156 6.05 -1.07 0.54
N TRP A 157 6.44 -0.92 -0.72
CA TRP A 157 7.03 -2.02 -1.47
C TRP A 157 6.14 -3.26 -1.41
N VAL A 158 4.90 -3.10 -1.82
CA VAL A 158 3.85 -4.07 -1.48
C VAL A 158 3.89 -5.22 -2.47
N PHE A 159 3.81 -6.44 -1.94
CA PHE A 159 3.82 -7.62 -2.77
C PHE A 159 2.86 -8.64 -2.18
N GLY A 160 2.29 -9.45 -3.05
CA GLY A 160 1.44 -10.53 -2.57
C GLY A 160 1.04 -11.38 -3.74
N ASN A 161 0.31 -12.45 -3.43
CA ASN A 161 0.04 -13.44 -4.45
C ASN A 161 -1.06 -13.07 -5.42
N TYR A 162 -1.83 -12.00 -5.16
CA TYR A 162 -3.06 -11.78 -5.91
C TYR A 162 -3.00 -10.55 -6.80
N GLY A 163 -1.82 -10.10 -7.20
CA GLY A 163 -1.72 -9.10 -8.24
C GLY A 163 -0.28 -8.91 -8.67
N LYS A 164 -0.07 -7.93 -9.54
CA LYS A 164 1.28 -7.61 -10.01
C LYS A 164 2.11 -6.90 -8.94
N ASN A 165 3.41 -7.21 -8.92
CA ASN A 165 4.32 -6.60 -7.93
C ASN A 165 5.76 -6.88 -8.34
N PHE A 166 6.69 -6.28 -7.58
CA PHE A 166 8.12 -6.48 -7.81
C PHE A 166 8.52 -7.95 -7.84
N VAL A 167 7.94 -8.77 -6.96
CA VAL A 167 8.34 -10.17 -6.90
C VAL A 167 8.06 -10.86 -8.23
N PHE A 168 6.84 -10.73 -8.75
CA PHE A 168 6.48 -11.42 -9.98
C PHE A 168 7.17 -10.81 -11.20
N THR A 169 7.39 -9.49 -11.19
CA THR A 169 8.20 -8.87 -12.22
C THR A 169 9.58 -9.51 -12.28
N MET A 170 10.25 -9.59 -11.13
CA MET A 170 11.60 -10.17 -11.05
C MET A 170 11.61 -11.61 -11.55
N GLU A 171 10.65 -12.42 -11.09
CA GLU A 171 10.58 -13.81 -11.53
C GLU A 171 10.30 -13.91 -13.03
N GLN A 172 9.42 -13.07 -13.56
CA GLN A 172 9.15 -13.10 -14.99
C GLN A 172 10.40 -12.75 -15.79
N LEU A 173 11.12 -11.72 -15.36
CA LEU A 173 12.35 -11.31 -16.04
C LEU A 173 13.40 -12.42 -15.95
N ALA A 174 13.49 -13.09 -14.80
CA ALA A 174 14.47 -14.15 -14.63
C ALA A 174 14.20 -15.36 -15.51
N GLU A 175 13.00 -15.45 -16.11
CA GLU A 175 12.70 -16.60 -16.96
C GLU A 175 13.43 -16.55 -18.29
N ASN A 176 13.92 -15.38 -18.70
CA ASN A 176 14.56 -15.28 -20.01
C ASN A 176 15.77 -14.38 -20.02
N HIS A 177 16.21 -13.86 -18.87
CA HIS A 177 17.34 -12.93 -18.84
C HIS A 177 18.28 -13.39 -17.76
N SER A 178 19.56 -13.43 -18.08
CA SER A 178 20.55 -13.99 -17.18
C SER A 178 21.15 -12.97 -16.23
N ARG A 179 20.97 -11.68 -16.49
CA ARG A 179 21.56 -10.64 -15.66
C ARG A 179 20.55 -9.52 -15.45
N LEU A 180 20.24 -9.23 -14.19
CA LEU A 180 19.32 -8.17 -13.81
C LEU A 180 20.01 -7.16 -12.91
N THR A 181 19.61 -5.90 -13.03
CA THR A 181 20.22 -4.78 -12.30
C THR A 181 19.18 -4.18 -11.35
N VAL A 182 19.49 -4.18 -10.06
CA VAL A 182 18.56 -3.69 -9.04
C VAL A 182 19.30 -2.74 -8.12
N VAL A 183 18.67 -1.59 -7.84
CA VAL A 183 19.30 -0.54 -7.03
C VAL A 183 19.62 -1.03 -5.61
N ASN A 184 20.83 -0.70 -5.16
CA ASN A 184 21.30 -1.00 -3.83
C ASN A 184 21.49 0.26 -2.99
N ASP A 185 20.94 1.37 -3.44
CA ASP A 185 21.06 2.64 -2.72
C ASP A 185 19.70 3.26 -2.45
N GLN A 186 18.63 2.48 -2.56
CA GLN A 186 17.29 2.90 -2.17
C GLN A 186 16.88 1.98 -1.03
N HIS A 187 16.65 2.56 0.15
CA HIS A 187 16.46 1.80 1.38
C HIS A 187 15.00 1.85 1.81
N GLY A 188 14.44 0.69 2.10
CA GLY A 188 13.09 0.61 2.60
C GLY A 188 12.79 -0.84 2.99
N ARG A 189 11.50 -1.16 3.12
CA ARG A 189 11.21 -2.54 3.46
C ARG A 189 9.99 -3.06 2.71
N PRO A 190 10.06 -4.29 2.21
CA PRO A 190 8.88 -4.90 1.57
C PRO A 190 7.73 -5.01 2.56
N THR A 191 6.51 -5.09 2.00
CA THR A 191 5.32 -5.38 2.79
C THR A 191 4.52 -6.43 2.06
N TRP A 192 4.35 -7.60 2.70
CA TRP A 192 3.42 -8.61 2.21
C TRP A 192 1.97 -8.15 2.44
N THR A 193 1.12 -8.28 1.42
CA THR A 193 -0.28 -7.86 1.56
C THR A 193 -0.99 -8.59 2.69
N ARG A 194 -0.56 -9.81 3.02
CA ARG A 194 -1.24 -10.52 4.10
C ARG A 194 -0.96 -9.86 5.44
N THR A 195 0.29 -9.44 5.67
CA THR A 195 0.63 -8.71 6.88
C THR A 195 -0.17 -7.41 6.94
N LEU A 196 -0.22 -6.70 5.83
CA LEU A 196 -0.92 -5.43 5.78
C LEU A 196 -2.42 -5.59 6.01
N ALA A 197 -3.03 -6.59 5.36
CA ALA A 197 -4.46 -6.87 5.59
C ALA A 197 -4.71 -7.24 7.05
N GLU A 198 -3.86 -8.07 7.64
CA GLU A 198 -4.01 -8.42 9.05
C GLU A 198 -3.93 -7.19 9.94
N PHE A 199 -3.00 -6.27 9.64
CA PHE A 199 -2.87 -5.06 10.45
C PHE A 199 -4.05 -4.12 10.26
N MET A 200 -4.52 -4.00 9.03
CA MET A 200 -5.72 -3.23 8.75
C MET A 200 -6.85 -3.70 9.65
N CYS A 201 -7.01 -5.01 9.74
CA CYS A 201 -8.09 -5.59 10.52
C CYS A 201 -7.80 -5.60 12.01
N TYR A 202 -6.53 -5.55 12.40
CA TYR A 202 -6.18 -5.45 13.81
C TYR A 202 -6.57 -4.09 14.38
N LEU A 203 -6.31 -3.03 13.62
CA LEU A 203 -6.71 -1.68 14.05
C LEU A 203 -8.22 -1.58 14.24
N THR A 204 -8.97 -2.08 13.26
CA THR A 204 -10.43 -1.94 13.33
C THR A 204 -11.05 -2.93 14.33
N GLU A 205 -10.56 -4.17 14.35
CA GLU A 205 -11.12 -5.14 15.31
C GLU A 205 -10.94 -4.66 16.75
N ASN A 206 -9.79 -4.07 17.05
CA ASN A 206 -9.47 -3.63 18.39
C ASN A 206 -9.72 -2.15 18.63
N GLN A 207 -10.31 -1.45 17.66
CA GLN A 207 -10.67 -0.04 17.79
C GLN A 207 -9.52 0.77 18.36
N LYS A 208 -8.34 0.57 17.78
CA LYS A 208 -7.21 1.39 18.17
C LYS A 208 -7.51 2.85 17.84
N ALA A 209 -6.64 3.74 18.32
CA ALA A 209 -6.85 5.18 18.14
C ALA A 209 -6.75 5.60 16.68
N PHE A 210 -7.68 6.44 16.26
CA PHE A 210 -7.64 6.93 14.89
C PHE A 210 -6.34 7.70 14.63
N GLY A 211 -5.95 7.77 13.35
CA GLY A 211 -4.78 8.52 12.94
C GLY A 211 -3.85 7.68 12.07
N TYR A 212 -2.57 8.06 12.09
CA TYR A 212 -1.56 7.56 11.17
C TYR A 212 -0.77 6.43 11.78
N TYR A 213 -0.49 5.42 10.96
CA TYR A 213 0.32 4.27 11.36
C TYR A 213 1.21 3.86 10.20
N HIS A 214 2.49 3.62 10.48
CA HIS A 214 3.41 3.05 9.49
C HIS A 214 3.39 1.53 9.61
N LEU A 215 3.20 0.85 8.47
CA LEU A 215 3.20 -0.62 8.45
C LEU A 215 3.96 -1.09 7.20
N SER A 216 5.15 -1.61 7.40
CA SER A 216 5.80 -2.50 6.46
C SER A 216 6.16 -3.75 7.24
N ASN A 217 6.62 -4.79 6.54
CA ASN A 217 7.25 -5.85 7.30
C ASN A 217 8.55 -5.31 7.88
N ASP A 218 9.10 -6.05 8.83
CA ASP A 218 10.24 -5.56 9.61
C ASP A 218 11.56 -6.09 9.05
N ALA A 219 12.67 -5.56 9.56
CA ALA A 219 13.99 -6.03 9.14
C ALA A 219 15.00 -5.85 10.27
N LYS A 220 15.85 -6.86 10.46
CA LYS A 220 16.89 -6.75 11.48
C LYS A 220 17.98 -5.78 11.04
N GLU A 221 18.17 -5.64 9.73
CA GLU A 221 19.24 -4.84 9.15
C GLU A 221 18.71 -3.96 8.03
N ASP A 222 19.60 -3.14 7.51
CA ASP A 222 19.36 -2.36 6.31
C ASP A 222 18.82 -3.24 5.19
N THR A 223 17.84 -2.71 4.46
CA THR A 223 17.24 -3.40 3.32
C THR A 223 17.12 -2.44 2.15
N THR A 224 17.62 -2.87 1.00
CA THR A 224 17.46 -2.20 -0.27
C THR A 224 16.68 -3.11 -1.21
N TRP A 225 16.20 -2.55 -2.34
CA TRP A 225 15.59 -3.38 -3.37
C TRP A 225 16.49 -4.54 -3.78
N TYR A 226 17.80 -4.28 -3.93
CA TYR A 226 18.75 -5.33 -4.29
C TYR A 226 18.69 -6.49 -3.31
N ASP A 227 18.68 -6.19 -2.00
CA ASP A 227 18.58 -7.24 -0.99
C ASP A 227 17.33 -8.08 -1.20
N PHE A 228 16.21 -7.42 -1.44
CA PHE A 228 14.93 -8.07 -1.74
C PHE A 228 15.03 -8.93 -3.00
N ALA A 229 15.53 -8.36 -4.09
CA ALA A 229 15.62 -9.10 -5.34
C ALA A 229 16.55 -10.30 -5.22
N LYS A 230 17.68 -10.13 -4.53
CA LYS A 230 18.62 -11.22 -4.33
C LYS A 230 17.96 -12.39 -3.64
N GLU A 231 17.12 -12.11 -2.64
CA GLU A 231 16.42 -13.17 -1.92
C GLU A 231 15.32 -13.78 -2.77
N ILE A 232 14.54 -12.93 -3.47
CA ILE A 232 13.49 -13.40 -4.37
C ILE A 232 14.05 -14.43 -5.35
N LEU A 233 15.21 -14.12 -5.94
CA LEU A 233 15.72 -14.90 -7.07
C LEU A 233 16.85 -15.85 -6.66
N LYS A 234 16.88 -16.27 -5.39
CA LYS A 234 18.00 -17.11 -4.97
C LYS A 234 17.90 -18.54 -5.51
N ASP A 235 16.72 -18.99 -5.92
CA ASP A 235 16.58 -20.29 -6.56
C ASP A 235 16.58 -20.20 -8.08
N LYS A 236 17.13 -19.13 -8.64
CA LYS A 236 17.00 -18.92 -10.08
C LYS A 236 18.39 -18.74 -10.69
N ALA A 237 18.52 -19.16 -11.95
CA ALA A 237 19.80 -19.07 -12.67
C ALA A 237 19.91 -17.70 -13.36
N VAL A 238 19.93 -16.68 -12.53
CA VAL A 238 20.03 -15.29 -12.94
C VAL A 238 20.95 -14.61 -11.94
N GLU A 239 21.80 -13.72 -12.42
CA GLU A 239 22.68 -12.94 -11.57
C GLU A 239 22.01 -11.61 -11.28
N VAL A 240 21.72 -11.36 -10.00
CA VAL A 240 21.18 -10.08 -9.59
C VAL A 240 22.36 -9.15 -9.30
N VAL A 241 22.40 -8.02 -10.00
CA VAL A 241 23.55 -7.12 -10.05
C VAL A 241 23.18 -5.85 -9.29
N PRO A 242 23.89 -5.50 -8.23
CA PRO A 242 23.58 -4.24 -7.53
C PRO A 242 24.12 -3.06 -8.32
N VAL A 243 23.29 -2.03 -8.42
CA VAL A 243 23.66 -0.80 -9.10
C VAL A 243 23.22 0.35 -8.21
N ASP A 244 23.71 1.54 -8.49
CA ASP A 244 23.15 2.67 -7.80
C ASP A 244 22.11 3.36 -8.69
N SER A 245 21.44 4.35 -8.10
CA SER A 245 20.29 4.91 -8.79
C SER A 245 20.65 5.78 -9.98
N SER A 246 21.92 6.17 -10.11
CA SER A 246 22.38 6.89 -11.29
C SER A 246 22.82 5.96 -12.42
N ALA A 247 22.84 4.64 -12.21
CA ALA A 247 23.32 3.74 -13.26
C ALA A 247 22.43 3.79 -14.48
N PHE A 248 21.13 3.90 -14.27
CA PHE A 248 20.27 4.11 -15.42
C PHE A 248 19.33 5.30 -15.17
N PRO A 249 19.06 6.12 -16.20
CA PRO A 249 18.14 7.25 -16.03
C PRO A 249 16.73 6.81 -15.65
N ALA A 250 16.34 7.09 -14.42
CA ALA A 250 15.01 6.75 -13.92
C ALA A 250 14.05 7.93 -14.08
N LYS A 251 12.79 7.62 -14.37
CA LYS A 251 11.80 8.68 -14.54
C LYS A 251 11.40 9.28 -13.20
N ALA A 252 11.24 8.44 -12.19
CA ALA A 252 10.82 8.89 -10.87
C ALA A 252 12.02 9.06 -9.96
N LYS A 253 12.05 10.18 -9.22
CA LYS A 253 13.13 10.43 -8.26
C LYS A 253 12.73 9.82 -6.91
N ARG A 254 12.97 8.53 -6.79
CA ARG A 254 12.49 7.76 -5.66
C ARG A 254 13.27 8.15 -4.40
N PRO A 255 12.66 8.06 -3.23
CA PRO A 255 13.38 8.43 -2.01
C PRO A 255 14.55 7.49 -1.74
N LEU A 256 15.68 8.05 -1.34
CA LEU A 256 16.87 7.21 -1.15
C LEU A 256 16.75 6.35 0.10
N ASN A 257 16.13 6.87 1.17
CA ASN A 257 15.85 6.10 2.39
C ASN A 257 14.43 6.44 2.83
N SER A 258 13.50 5.52 2.58
CA SER A 258 12.12 5.66 3.01
C SER A 258 11.75 4.59 4.01
N THR A 259 12.75 4.08 4.74
CA THR A 259 12.51 3.10 5.80
C THR A 259 11.63 3.72 6.88
N MET A 260 10.55 3.02 7.21
CA MET A 260 9.56 3.53 8.14
C MET A 260 9.84 3.00 9.54
N ASN A 261 9.75 3.86 10.54
CA ASN A 261 9.80 3.35 11.90
C ASN A 261 8.46 2.68 12.22
N LEU A 262 8.54 1.50 12.85
CA LEU A 262 7.35 0.66 13.06
C LEU A 262 6.89 0.66 14.52
N ASP A 263 7.44 1.54 15.36
CA ASP A 263 7.17 1.47 16.80
C ASP A 263 5.69 1.64 17.11
N LYS A 264 4.99 2.53 16.39
CA LYS A 264 3.60 2.77 16.72
C LYS A 264 2.74 1.55 16.41
N ALA A 265 2.94 0.93 15.24
CA ALA A 265 2.22 -0.30 14.93
C ALA A 265 2.56 -1.40 15.94
N LYS A 266 3.83 -1.48 16.35
CA LYS A 266 4.19 -2.48 17.33
C LYS A 266 3.52 -2.20 18.67
N ALA A 267 3.37 -0.93 19.02
CA ALA A 267 2.72 -0.58 20.29
C ALA A 267 1.24 -0.93 20.32
N THR A 268 0.62 -1.25 19.18
CA THR A 268 -0.77 -1.70 19.17
C THR A 268 -0.94 -3.11 19.74
N GLY A 269 0.14 -3.88 19.86
CA GLY A 269 0.09 -5.30 20.13
C GLY A 269 0.28 -6.19 18.90
N PHE A 270 0.19 -5.62 17.70
CA PHE A 270 0.36 -6.39 16.47
C PHE A 270 1.81 -6.82 16.31
N VAL A 271 2.02 -8.10 16.01
CA VAL A 271 3.37 -8.66 15.82
C VAL A 271 3.71 -8.64 14.34
N ILE A 272 4.82 -8.00 13.98
CA ILE A 272 5.17 -7.75 12.58
C ILE A 272 6.28 -8.72 12.18
N PRO A 273 6.04 -9.62 11.24
CA PRO A 273 7.14 -10.47 10.75
C PRO A 273 8.20 -9.65 10.02
N THR A 274 9.43 -10.14 10.02
CA THR A 274 10.43 -9.59 9.10
C THR A 274 9.98 -9.86 7.68
N TRP A 275 10.52 -9.07 6.74
CA TRP A 275 10.15 -9.29 5.34
C TRP A 275 10.66 -10.64 4.84
N GLN A 276 11.75 -11.15 5.43
CA GLN A 276 12.24 -12.48 5.04
C GLN A 276 11.24 -13.56 5.42
N GLU A 277 10.73 -13.54 6.65
CA GLU A 277 9.70 -14.50 7.05
C GLU A 277 8.44 -14.32 6.20
N ALA A 278 8.05 -13.07 5.92
CA ALA A 278 6.84 -12.84 5.14
C ALA A 278 6.98 -13.40 3.72
N LEU A 279 8.14 -13.21 3.10
CA LEU A 279 8.33 -13.69 1.74
C LEU A 279 8.26 -15.21 1.70
N LYS A 280 8.81 -15.88 2.71
CA LYS A 280 8.74 -17.33 2.78
C LYS A 280 7.29 -17.79 2.93
N ALA A 281 6.48 -17.06 3.70
CA ALA A 281 5.08 -17.42 3.86
C ALA A 281 4.30 -17.15 2.58
N PHE A 282 4.61 -16.03 1.92
CA PHE A 282 4.05 -15.72 0.61
C PHE A 282 4.29 -16.87 -0.38
N TYR A 283 5.47 -17.47 -0.35
CA TYR A 283 5.73 -18.55 -1.29
C TYR A 283 4.90 -19.78 -0.94
N GLN A 284 4.74 -20.04 0.36
CA GLN A 284 3.92 -21.16 0.83
C GLN A 284 2.44 -20.94 0.54
N GLN A 285 1.93 -19.73 0.78
CA GLN A 285 0.53 -19.41 0.47
C GLN A 285 0.22 -19.51 -1.02
N GLY A 286 1.15 -19.08 -1.87
CA GLY A 286 0.92 -19.16 -3.31
C GLY A 286 0.68 -20.57 -3.81
N LEU A 287 1.14 -21.58 -3.09
CA LEU A 287 0.90 -22.94 -3.52
C LEU A 287 -0.55 -23.36 -3.40
N LYS A 288 -1.35 -22.63 -2.61
CA LYS A 288 -2.77 -22.94 -2.46
C LYS A 288 -3.58 -22.76 -3.74
#